data_1PK5
#
_entry.id   1PK5
#
_cell.length_a   34.775
_cell.length_b   127.542
_cell.length_c   53.213
_cell.angle_alpha   90.00
_cell.angle_beta   91.72
_cell.angle_gamma   90.00
#
_symmetry.space_group_name_H-M   'P 1 21 1'
#
loop_
_entity.id
_entity.type
_entity.pdbx_description
1 polymer 'Orphan nuclear receptor NR5A2'
2 water water
#
_entity_poly.entity_id   1
_entity_poly.type   'polypeptide(L)'
_entity_poly.pdbx_seq_one_letter_code
;QTNSPASIPHLILELLKCEPDEPQVQAKIMAYLQQEQSNRNRQEKLSAFGLLCKMADQTLFSIVEWARSSIFFRELKVDD
QMKLLQNCWSELLILDHIYRQVAHGKEGTIFLVTGEHVDYSTIISHTEVAFNNLLSLAQELVVRLRSLQFDQREFVCLKF
LVLFSSDVKNLENLQLVEGVQEQVNAALLDYTVCNYPQQTEKFGQLLLRLPELRAISKQAEDYLYYKHVNGDVPYNNLLI
EMLHAKRA
;
_entity_poly.pdbx_strand_id   A,B
#
# COMPACT_ATOMS: atom_id res chain seq x y z
N ALA A 6 19.01 4.27 17.51
CA ALA A 6 18.72 4.80 16.13
C ALA A 6 17.37 5.49 16.11
N SER A 7 17.11 6.22 17.19
CA SER A 7 15.91 7.00 17.40
C SER A 7 14.71 6.14 17.75
N ILE A 8 14.97 5.02 18.40
CA ILE A 8 13.88 4.18 18.83
C ILE A 8 14.04 3.99 20.30
N PRO A 9 13.12 4.55 21.09
CA PRO A 9 13.26 4.38 22.53
C PRO A 9 13.30 2.92 22.93
N HIS A 10 13.84 2.66 24.10
CA HIS A 10 13.96 1.31 24.63
C HIS A 10 12.65 0.58 24.85
N LEU A 11 11.66 1.28 25.38
CA LEU A 11 10.36 0.65 25.62
C LEU A 11 9.79 0.07 24.32
N ILE A 12 9.98 0.78 23.21
CA ILE A 12 9.46 0.29 21.95
C ILE A 12 10.27 -0.90 21.44
N LEU A 13 11.58 -0.88 21.63
CA LEU A 13 12.41 -2.00 21.20
C LEU A 13 11.94 -3.30 21.88
N GLU A 14 11.46 -3.18 23.11
CA GLU A 14 10.99 -4.35 23.88
C GLU A 14 9.62 -4.85 23.42
N LEU A 15 8.74 -3.93 23.04
CA LEU A 15 7.43 -4.29 22.55
C LEU A 15 7.62 -5.04 21.22
N LEU A 16 8.48 -4.51 20.36
CA LEU A 16 8.77 -5.16 19.07
C LEU A 16 9.26 -6.60 19.27
N LYS A 17 10.06 -6.82 20.32
CA LYS A 17 10.58 -8.14 20.63
C LYS A 17 9.44 -9.12 20.94
N CYS A 18 8.32 -8.59 21.42
CA CYS A 18 7.15 -9.40 21.74
C CYS A 18 6.29 -9.71 20.51
N GLU A 19 6.64 -9.16 19.36
CA GLU A 19 5.86 -9.43 18.14
C GLU A 19 6.16 -10.82 17.56
N PRO A 20 5.11 -11.51 17.07
CA PRO A 20 5.28 -12.84 16.49
C PRO A 20 5.92 -12.72 15.11
N ASP A 21 6.57 -13.77 14.64
CA ASP A 21 7.14 -13.73 13.32
C ASP A 21 5.96 -14.03 12.41
N GLU A 22 5.55 -12.99 11.70
CA GLU A 22 4.42 -13.02 10.78
C GLU A 22 4.41 -14.21 9.82
N PRO A 23 5.55 -14.51 9.18
CA PRO A 23 5.61 -15.62 8.23
C PRO A 23 5.15 -16.97 8.77
N GLN A 24 5.51 -17.27 10.01
CA GLN A 24 5.13 -18.55 10.59
C GLN A 24 3.67 -18.57 11.03
N VAL A 25 3.13 -17.39 11.35
CA VAL A 25 1.74 -17.26 11.75
C VAL A 25 0.88 -17.51 10.51
N GLN A 26 1.37 -17.00 9.38
CA GLN A 26 0.67 -17.14 8.11
C GLN A 26 0.67 -18.62 7.68
N ALA A 27 1.83 -19.27 7.79
CA ALA A 27 1.96 -20.67 7.41
C ALA A 27 1.06 -21.52 8.28
N LYS A 28 1.09 -21.28 9.58
CA LYS A 28 0.26 -22.01 10.51
C LYS A 28 -1.24 -21.83 10.22
N ILE A 29 -1.63 -20.61 9.91
CA ILE A 29 -3.04 -20.34 9.64
C ILE A 29 -3.45 -20.91 8.29
N MET A 30 -2.58 -20.78 7.30
CA MET A 30 -2.84 -21.29 5.96
C MET A 30 -3.14 -22.79 6.03
N ALA A 31 -2.28 -23.53 6.72
CA ALA A 31 -2.42 -24.97 6.87
C ALA A 31 -3.76 -25.33 7.53
N TYR A 32 -4.05 -24.68 8.64
CA TYR A 32 -5.29 -24.93 9.35
C TYR A 32 -6.50 -24.84 8.43
N LEU A 33 -6.57 -23.76 7.66
CA LEU A 33 -7.66 -23.54 6.74
C LEU A 33 -7.70 -24.52 5.60
N GLN A 34 -6.53 -24.94 5.13
CA GLN A 34 -6.50 -25.91 4.06
C GLN A 34 -7.03 -27.22 4.60
N GLN A 35 -6.77 -27.49 5.87
CA GLN A 35 -7.22 -28.72 6.54
C GLN A 35 -8.74 -28.67 6.72
N GLU A 36 -9.18 -27.65 7.44
CA GLU A 36 -10.60 -27.43 7.73
C GLU A 36 -11.42 -27.52 6.45
N GLN A 37 -10.84 -26.99 5.38
CA GLN A 37 -11.45 -26.96 4.05
C GLN A 37 -11.14 -28.26 3.28
N SER A 38 -10.00 -28.87 3.60
CA SER A 38 -9.80 -30.15 2.91
C SER A 38 -10.58 -31.32 3.54
N ASN A 39 -10.62 -31.33 4.89
CA ASN A 39 -11.18 -32.46 5.62
C ASN A 39 -12.62 -32.73 5.19
N ARG A 40 -13.52 -31.83 5.64
CA ARG A 40 -14.81 -31.88 4.96
C ARG A 40 -14.69 -31.50 3.48
N ASN A 41 -14.79 -32.53 2.62
CA ASN A 41 -14.60 -32.33 1.19
C ASN A 41 -15.91 -32.20 0.37
N ARG A 42 -16.97 -31.68 1.05
CA ARG A 42 -18.09 -31.08 0.35
C ARG A 42 -19.23 -30.70 1.32
N GLN A 43 -19.90 -31.81 1.74
CA GLN A 43 -21.24 -31.77 2.28
C GLN A 43 -21.26 -31.18 3.68
N GLU A 44 -21.73 -29.96 3.92
CA GLU A 44 -21.84 -29.45 5.29
C GLU A 44 -22.01 -27.96 5.09
N LYS A 45 -20.92 -27.27 4.78
CA LYS A 45 -20.95 -25.86 4.50
C LYS A 45 -19.55 -25.34 4.31
N LEU A 46 -19.22 -25.21 3.04
CA LEU A 46 -17.93 -24.69 2.62
C LEU A 46 -18.27 -23.34 2.01
N SER A 47 -18.49 -22.39 2.92
CA SER A 47 -18.86 -21.02 2.61
C SER A 47 -17.68 -20.09 2.32
N ALA A 48 -17.91 -18.78 2.48
CA ALA A 48 -16.90 -17.75 2.23
C ALA A 48 -17.01 -16.71 3.34
N PHE A 49 -18.14 -16.73 4.04
CA PHE A 49 -18.32 -15.82 5.15
C PHE A 49 -17.69 -16.55 6.32
N GLY A 50 -18.08 -17.81 6.47
CA GLY A 50 -17.56 -18.62 7.56
C GLY A 50 -16.07 -18.80 7.50
N LEU A 51 -15.49 -18.69 6.31
CA LEU A 51 -14.04 -18.85 6.17
C LEU A 51 -13.31 -17.64 6.71
N LEU A 52 -13.81 -16.43 6.43
CA LEU A 52 -13.18 -15.25 6.97
C LEU A 52 -13.37 -15.35 8.49
N CYS A 53 -14.41 -16.07 8.90
CA CYS A 53 -14.69 -16.29 10.31
C CYS A 53 -13.72 -17.31 10.86
N LYS A 54 -13.34 -18.27 10.04
CA LYS A 54 -12.41 -19.30 10.45
C LYS A 54 -11.03 -18.70 10.70
N MET A 55 -10.57 -17.85 9.78
CA MET A 55 -9.25 -17.25 9.95
C MET A 55 -9.25 -16.10 10.93
N ALA A 56 -10.43 -15.58 11.26
CA ALA A 56 -10.51 -14.50 12.23
C ALA A 56 -10.30 -15.16 13.61
N ASP A 57 -10.90 -16.34 13.76
CA ASP A 57 -10.79 -17.11 15.00
C ASP A 57 -9.31 -17.43 15.27
N GLN A 58 -8.61 -17.95 14.27
CA GLN A 58 -7.20 -18.28 14.39
C GLN A 58 -6.37 -17.05 14.71
N THR A 59 -6.68 -15.94 14.04
CA THR A 59 -5.97 -14.70 14.27
C THR A 59 -6.15 -14.30 15.73
N LEU A 60 -7.36 -14.53 16.23
CA LEU A 60 -7.69 -14.20 17.62
C LEU A 60 -6.86 -15.04 18.59
N PHE A 61 -6.68 -16.32 18.29
CA PHE A 61 -5.90 -17.15 19.17
C PHE A 61 -4.47 -16.64 19.18
N SER A 62 -3.99 -16.26 18.01
CA SER A 62 -2.64 -15.74 17.90
C SER A 62 -2.49 -14.43 18.68
N ILE A 63 -3.57 -13.64 18.74
CA ILE A 63 -3.54 -12.37 19.45
C ILE A 63 -3.49 -12.60 20.95
N VAL A 64 -4.23 -13.59 21.40
CA VAL A 64 -4.31 -13.94 22.81
C VAL A 64 -2.96 -14.46 23.31
N GLU A 65 -2.31 -15.27 22.48
CA GLU A 65 -1.00 -15.83 22.81
C GLU A 65 0.01 -14.69 22.89
N TRP A 66 -0.12 -13.75 21.95
CA TRP A 66 0.77 -12.60 21.91
C TRP A 66 0.67 -11.79 23.21
N ALA A 67 -0.55 -11.51 23.65
CA ALA A 67 -0.80 -10.75 24.87
C ALA A 67 -0.21 -11.47 26.08
N ARG A 68 -0.48 -12.77 26.16
CA ARG A 68 -0.02 -13.61 27.26
C ARG A 68 1.50 -13.64 27.41
N SER A 69 2.20 -13.78 26.28
CA SER A 69 3.66 -13.80 26.27
C SER A 69 4.20 -12.39 26.35
N SER A 70 3.31 -11.42 26.21
CA SER A 70 3.69 -10.01 26.22
C SER A 70 4.35 -9.52 27.51
N ILE A 71 5.48 -8.85 27.35
CA ILE A 71 6.28 -8.31 28.44
C ILE A 71 5.55 -7.75 29.67
N PHE A 72 4.52 -6.93 29.50
CA PHE A 72 3.88 -6.40 30.71
C PHE A 72 2.57 -7.05 31.10
N PHE A 73 1.92 -7.67 30.12
CA PHE A 73 0.64 -8.31 30.31
C PHE A 73 0.82 -9.49 31.25
N ARG A 74 1.94 -10.17 31.08
CA ARG A 74 2.28 -11.35 31.85
C ARG A 74 2.41 -11.09 33.36
N GLU A 75 2.49 -9.82 33.77
CA GLU A 75 2.60 -9.48 35.20
C GLU A 75 1.22 -9.36 35.84
N LEU A 76 0.18 -9.43 35.03
CA LEU A 76 -1.17 -9.32 35.55
C LEU A 76 -1.74 -10.68 35.88
N LYS A 77 -2.65 -10.72 36.84
CA LYS A 77 -3.26 -11.98 37.21
C LYS A 77 -4.29 -12.33 36.13
N VAL A 78 -4.49 -13.61 35.91
CA VAL A 78 -5.43 -14.10 34.91
C VAL A 78 -6.77 -13.34 34.91
N ASP A 79 -7.16 -12.81 36.06
CA ASP A 79 -8.41 -12.08 36.17
C ASP A 79 -8.32 -10.74 35.43
N ASP A 80 -7.20 -10.05 35.63
CA ASP A 80 -6.97 -8.76 34.99
C ASP A 80 -6.74 -8.95 33.48
N GLN A 81 -6.05 -10.02 33.11
CA GLN A 81 -5.78 -10.30 31.70
C GLN A 81 -7.09 -10.43 30.92
N MET A 82 -7.95 -11.35 31.37
CA MET A 82 -9.23 -11.61 30.72
C MET A 82 -10.08 -10.37 30.55
N LYS A 83 -10.14 -9.53 31.57
CA LYS A 83 -10.92 -8.31 31.48
C LYS A 83 -10.35 -7.30 30.46
N LEU A 84 -9.04 -7.33 30.22
CA LEU A 84 -8.45 -6.41 29.27
C LEU A 84 -8.67 -6.93 27.85
N LEU A 85 -8.56 -8.24 27.69
CA LEU A 85 -8.75 -8.90 26.39
C LEU A 85 -10.21 -8.95 25.95
N GLN A 86 -11.13 -9.07 26.91
CA GLN A 86 -12.55 -9.11 26.60
C GLN A 86 -13.01 -7.75 26.12
N ASN A 87 -12.47 -6.72 26.73
CA ASN A 87 -12.80 -5.34 26.39
C ASN A 87 -12.28 -4.87 25.03
N CYS A 88 -11.15 -5.40 24.57
CA CYS A 88 -10.58 -4.92 23.31
C CYS A 88 -10.28 -5.95 22.24
N TRP A 89 -10.71 -7.18 22.43
CA TRP A 89 -10.40 -8.21 21.43
C TRP A 89 -10.81 -7.87 19.99
N SER A 90 -11.99 -7.31 19.77
CA SER A 90 -12.37 -7.01 18.39
C SER A 90 -11.57 -5.84 17.83
N GLU A 91 -11.26 -4.86 18.68
CA GLU A 91 -10.47 -3.73 18.23
C GLU A 91 -9.10 -4.24 17.81
N LEU A 92 -8.55 -5.19 18.56
CA LEU A 92 -7.24 -5.73 18.23
C LEU A 92 -7.31 -6.43 16.88
N LEU A 93 -8.38 -7.20 16.66
CA LEU A 93 -8.56 -7.91 15.39
C LEU A 93 -8.59 -6.97 14.18
N ILE A 94 -9.37 -5.90 14.29
CA ILE A 94 -9.50 -4.95 13.20
C ILE A 94 -8.21 -4.17 12.99
N LEU A 95 -7.54 -3.81 14.09
CA LEU A 95 -6.30 -3.07 14.02
C LEU A 95 -5.27 -3.93 13.31
N ASP A 96 -5.30 -5.22 13.61
CA ASP A 96 -4.40 -6.18 13.01
C ASP A 96 -4.63 -6.23 11.50
N HIS A 97 -5.89 -6.27 11.09
CA HIS A 97 -6.27 -6.31 9.68
C HIS A 97 -5.81 -5.03 8.94
N ILE A 98 -6.15 -3.88 9.52
CA ILE A 98 -5.82 -2.59 8.98
C ILE A 98 -4.31 -2.44 8.73
N TYR A 99 -3.52 -2.78 9.74
CA TYR A 99 -2.08 -2.66 9.61
C TYR A 99 -1.54 -3.59 8.53
N ARG A 100 -2.11 -4.78 8.44
CA ARG A 100 -1.68 -5.68 7.39
C ARG A 100 -1.99 -5.04 6.01
N GLN A 101 -3.07 -4.26 5.90
CA GLN A 101 -3.38 -3.62 4.61
C GLN A 101 -2.40 -2.49 4.33
N VAL A 102 -2.00 -1.78 5.38
CA VAL A 102 -1.05 -0.69 5.23
C VAL A 102 0.32 -1.17 4.78
N ALA A 103 0.82 -2.22 5.44
CA ALA A 103 2.13 -2.75 5.10
C ALA A 103 2.17 -3.65 3.87
N HIS A 104 1.05 -4.26 3.51
CA HIS A 104 1.11 -5.18 2.38
C HIS A 104 0.03 -5.04 1.34
N GLY A 105 -0.97 -4.22 1.61
CA GLY A 105 -2.04 -4.07 0.65
C GLY A 105 -1.65 -3.42 -0.67
N LYS A 106 -2.37 -3.70 -1.74
CA LYS A 106 -2.06 -3.09 -3.03
C LYS A 106 -3.19 -2.26 -3.59
N GLU A 107 -3.16 -2.03 -4.90
CA GLU A 107 -4.22 -1.39 -5.68
C GLU A 107 -5.65 -1.78 -5.31
N GLY A 108 -6.11 -2.93 -5.77
CA GLY A 108 -7.47 -3.32 -5.49
C GLY A 108 -7.47 -4.70 -4.90
N THR A 109 -6.64 -4.89 -3.88
CA THR A 109 -6.55 -6.16 -3.19
C THR A 109 -6.63 -6.00 -1.68
N ILE A 110 -6.82 -7.13 -1.01
CA ILE A 110 -6.88 -7.18 0.43
C ILE A 110 -5.92 -8.30 0.79
N PHE A 111 -4.91 -7.99 1.58
CA PHE A 111 -3.97 -9.00 2.00
C PHE A 111 -4.56 -9.75 3.20
N LEU A 112 -4.66 -11.07 3.08
CA LEU A 112 -5.21 -11.91 4.15
C LEU A 112 -4.14 -12.43 5.09
N VAL A 113 -4.54 -12.74 6.31
CA VAL A 113 -3.62 -13.25 7.32
C VAL A 113 -2.91 -14.53 6.86
N THR A 114 -3.52 -15.25 5.93
CA THR A 114 -2.92 -16.47 5.42
C THR A 114 -1.73 -16.12 4.55
N GLY A 115 -1.61 -14.84 4.21
CA GLY A 115 -0.52 -14.37 3.37
C GLY A 115 -0.89 -14.31 1.90
N GLU A 116 -2.19 -14.26 1.61
CA GLU A 116 -2.69 -14.21 0.24
C GLU A 116 -3.33 -12.87 -0.10
N HIS A 117 -3.25 -12.51 -1.37
CA HIS A 117 -3.86 -11.29 -1.87
C HIS A 117 -5.16 -11.69 -2.55
N VAL A 118 -6.23 -11.00 -2.21
CA VAL A 118 -7.53 -11.27 -2.82
C VAL A 118 -8.04 -9.96 -3.39
N ASP A 119 -8.63 -10.02 -4.59
CA ASP A 119 -9.15 -8.82 -5.25
C ASP A 119 -10.30 -8.26 -4.42
N TYR A 120 -10.25 -6.96 -4.18
CA TYR A 120 -11.26 -6.28 -3.39
C TYR A 120 -12.66 -6.48 -3.99
N SER A 121 -12.71 -6.72 -5.29
CA SER A 121 -13.97 -6.94 -6.00
C SER A 121 -14.56 -8.29 -5.65
N THR A 122 -13.70 -9.29 -5.57
CA THR A 122 -14.11 -10.65 -5.25
C THR A 122 -14.73 -10.70 -3.86
N ILE A 123 -14.15 -9.95 -2.92
CA ILE A 123 -14.68 -9.91 -1.57
C ILE A 123 -16.05 -9.26 -1.56
N ILE A 124 -16.12 -8.06 -2.12
CA ILE A 124 -17.37 -7.32 -2.19
C ILE A 124 -18.51 -8.19 -2.72
N SER A 125 -18.38 -8.59 -3.99
CA SER A 125 -19.39 -9.42 -4.64
C SER A 125 -19.86 -10.65 -3.87
N HIS A 126 -18.93 -11.41 -3.31
CA HIS A 126 -19.30 -12.62 -2.61
C HIS A 126 -19.71 -12.49 -1.15
N THR A 127 -20.06 -11.28 -0.74
CA THR A 127 -20.49 -11.02 0.64
C THR A 127 -21.62 -9.99 0.64
N GLU A 128 -22.47 -10.04 1.67
CA GLU A 128 -23.58 -9.10 1.73
C GLU A 128 -23.09 -7.68 2.00
N VAL A 129 -23.89 -6.72 1.58
CA VAL A 129 -23.58 -5.31 1.73
C VAL A 129 -23.15 -4.93 3.16
N ALA A 130 -23.80 -5.55 4.14
CA ALA A 130 -23.51 -5.30 5.55
C ALA A 130 -22.03 -5.52 5.84
N PHE A 131 -21.51 -6.65 5.44
CA PHE A 131 -20.11 -6.94 5.66
C PHE A 131 -19.29 -5.97 4.81
N ASN A 132 -19.78 -5.72 3.60
CA ASN A 132 -19.14 -4.80 2.64
C ASN A 132 -18.85 -3.42 3.26
N ASN A 133 -19.81 -2.90 4.02
CA ASN A 133 -19.65 -1.59 4.64
C ASN A 133 -18.59 -1.55 5.71
N LEU A 134 -18.49 -2.62 6.50
CA LEU A 134 -17.49 -2.69 7.56
C LEU A 134 -16.12 -2.79 6.93
N LEU A 135 -16.02 -3.62 5.89
CA LEU A 135 -14.75 -3.78 5.20
C LEU A 135 -14.33 -2.45 4.59
N SER A 136 -15.30 -1.64 4.16
CA SER A 136 -15.01 -0.34 3.56
C SER A 136 -14.66 0.69 4.61
N LEU A 137 -15.25 0.57 5.80
CA LEU A 137 -14.96 1.48 6.90
C LEU A 137 -13.52 1.26 7.39
N ALA A 138 -13.04 0.04 7.24
CA ALA A 138 -11.69 -0.30 7.66
C ALA A 138 -10.67 0.23 6.63
N GLN A 139 -11.00 0.14 5.35
CA GLN A 139 -10.09 0.64 4.31
C GLN A 139 -9.89 2.15 4.40
N GLU A 140 -10.90 2.88 4.88
CA GLU A 140 -10.75 4.33 5.02
C GLU A 140 -9.62 4.59 6.01
N LEU A 141 -9.61 3.86 7.13
CA LEU A 141 -8.55 4.02 8.11
C LEU A 141 -7.23 3.60 7.47
N VAL A 142 -7.29 2.56 6.64
CA VAL A 142 -6.07 2.08 5.97
C VAL A 142 -5.51 3.20 5.12
N VAL A 143 -6.40 3.89 4.42
CA VAL A 143 -6.02 4.99 3.56
C VAL A 143 -5.41 6.12 4.40
N ARG A 144 -6.02 6.42 5.54
CA ARG A 144 -5.52 7.47 6.41
C ARG A 144 -4.15 7.12 7.01
N LEU A 145 -3.96 5.88 7.44
CA LEU A 145 -2.67 5.46 8.00
C LEU A 145 -1.58 5.39 6.94
N ARG A 146 -1.97 5.04 5.72
CA ARG A 146 -0.98 4.94 4.64
C ARG A 146 -0.39 6.34 4.41
N SER A 147 -1.24 7.37 4.46
CA SER A 147 -0.80 8.75 4.25
C SER A 147 0.13 9.24 5.34
N LEU A 148 -0.10 8.77 6.56
CA LEU A 148 0.71 9.15 7.70
C LEU A 148 2.01 8.36 7.78
N GLN A 149 2.20 7.40 6.89
CA GLN A 149 3.40 6.57 6.90
C GLN A 149 3.41 5.75 8.21
N PHE A 150 2.23 5.27 8.58
CA PHE A 150 2.05 4.45 9.78
C PHE A 150 3.01 3.27 9.66
N ASP A 151 3.93 3.12 10.61
CA ASP A 151 4.85 1.99 10.53
C ASP A 151 4.70 1.01 11.70
N GLN A 152 5.46 -0.07 11.64
CA GLN A 152 5.42 -1.14 12.62
C GLN A 152 5.63 -0.73 14.07
N ARG A 153 6.57 0.16 14.31
CA ARG A 153 6.84 0.60 15.66
C ARG A 153 5.62 1.35 16.23
N GLU A 154 4.88 2.03 15.38
CA GLU A 154 3.70 2.74 15.84
C GLU A 154 2.56 1.75 15.98
N PHE A 155 2.62 0.69 15.18
CA PHE A 155 1.61 -0.35 15.25
C PHE A 155 1.67 -1.12 16.59
N VAL A 156 2.85 -1.49 17.07
CA VAL A 156 2.89 -2.21 18.36
C VAL A 156 2.51 -1.28 19.51
N CYS A 157 2.74 0.02 19.34
CA CYS A 157 2.38 0.99 20.37
C CYS A 157 0.85 1.10 20.42
N LEU A 158 0.19 1.21 19.27
CA LEU A 158 -1.28 1.31 19.28
C LEU A 158 -1.88 0.05 19.89
N LYS A 159 -1.28 -1.09 19.62
CA LYS A 159 -1.73 -2.37 20.17
C LYS A 159 -1.70 -2.38 21.69
N PHE A 160 -0.60 -1.91 22.26
CA PHE A 160 -0.48 -1.87 23.71
C PHE A 160 -1.39 -0.80 24.31
N LEU A 161 -1.69 0.25 23.53
CA LEU A 161 -2.59 1.28 24.04
C LEU A 161 -4.01 0.73 23.99
N VAL A 162 -4.27 -0.16 23.03
CA VAL A 162 -5.59 -0.76 22.93
C VAL A 162 -5.78 -1.79 24.04
N LEU A 163 -4.75 -2.58 24.29
CA LEU A 163 -4.79 -3.62 25.30
C LEU A 163 -4.84 -3.04 26.71
N PHE A 164 -3.88 -2.18 27.03
CA PHE A 164 -3.82 -1.59 28.35
C PHE A 164 -4.71 -0.34 28.46
N SER A 165 -6.00 -0.56 28.53
CA SER A 165 -6.94 0.55 28.64
C SER A 165 -7.37 0.71 30.11
N SER A 166 -7.16 1.90 30.64
CA SER A 166 -7.48 2.20 32.05
C SER A 166 -8.95 2.30 32.47
N ASP A 167 -9.86 2.47 31.53
CA ASP A 167 -11.25 2.58 31.94
C ASP A 167 -11.97 1.25 31.84
N VAL A 168 -11.33 0.24 32.41
CA VAL A 168 -11.92 -1.05 32.50
C VAL A 168 -12.16 -1.21 33.94
N LYS A 169 -13.39 -1.57 34.30
CA LYS A 169 -13.77 -1.69 35.69
C LYS A 169 -13.27 -2.95 36.39
N ASN A 170 -12.97 -2.80 37.68
CA ASN A 170 -12.52 -3.90 38.51
C ASN A 170 -11.17 -4.50 38.15
N LEU A 171 -10.21 -3.64 37.86
CA LEU A 171 -8.87 -4.13 37.56
C LEU A 171 -8.17 -4.20 38.90
N GLU A 172 -7.49 -5.32 39.15
CA GLU A 172 -6.77 -5.50 40.39
C GLU A 172 -5.53 -4.58 40.38
N ASN A 173 -4.63 -4.83 39.45
CA ASN A 173 -3.39 -4.07 39.31
C ASN A 173 -3.57 -2.86 38.37
N LEU A 174 -4.43 -1.93 38.76
CA LEU A 174 -4.68 -0.74 37.95
C LEU A 174 -3.45 0.14 37.83
N GLN A 175 -2.64 0.15 38.88
CA GLN A 175 -1.43 0.95 38.91
C GLN A 175 -0.54 0.58 37.72
N LEU A 176 -0.44 -0.72 37.43
CA LEU A 176 0.38 -1.20 36.32
C LEU A 176 -0.22 -0.87 34.95
N VAL A 177 -1.53 -1.00 34.80
CA VAL A 177 -2.20 -0.72 33.54
C VAL A 177 -2.08 0.76 33.14
N GLU A 178 -2.30 1.66 34.08
CA GLU A 178 -2.19 3.09 33.80
C GLU A 178 -0.73 3.44 33.54
N GLY A 179 0.17 2.85 34.32
CA GLY A 179 1.58 3.11 34.15
C GLY A 179 2.07 2.76 32.76
N VAL A 180 1.81 1.53 32.31
CA VAL A 180 2.21 1.09 30.98
C VAL A 180 1.59 1.99 29.90
N GLN A 181 0.29 2.21 30.01
CA GLN A 181 -0.44 3.04 29.08
C GLN A 181 0.21 4.41 28.93
N GLU A 182 0.54 5.04 30.05
CA GLU A 182 1.16 6.35 29.99
C GLU A 182 2.57 6.27 29.43
N GLN A 183 3.25 5.20 29.79
CA GLN A 183 4.61 5.00 29.34
C GLN A 183 4.69 4.75 27.82
N VAL A 184 3.72 4.02 27.28
CA VAL A 184 3.69 3.75 25.84
C VAL A 184 3.31 5.02 25.08
N ASN A 185 2.36 5.79 25.60
CA ASN A 185 1.95 7.04 24.97
C ASN A 185 3.19 7.91 24.79
N ALA A 186 3.98 8.00 25.86
CA ALA A 186 5.20 8.79 25.86
C ALA A 186 6.24 8.29 24.86
N ALA A 187 6.45 6.97 24.82
CA ALA A 187 7.44 6.40 23.90
C ALA A 187 7.00 6.64 22.46
N LEU A 188 5.70 6.56 22.22
CA LEU A 188 5.14 6.76 20.89
C LEU A 188 5.36 8.21 20.40
N LEU A 189 5.01 9.19 21.23
CA LEU A 189 5.18 10.60 20.86
C LEU A 189 6.65 10.86 20.60
N ASP A 190 7.50 10.37 21.49
CA ASP A 190 8.93 10.59 21.31
C ASP A 190 9.38 10.03 19.97
N TYR A 191 8.88 8.84 19.63
CA TYR A 191 9.27 8.18 18.39
C TYR A 191 8.73 8.85 17.14
N THR A 192 7.45 9.21 17.17
CA THR A 192 6.82 9.84 16.02
C THR A 192 7.48 11.15 15.62
N VAL A 193 7.73 12.05 16.57
CA VAL A 193 8.36 13.32 16.18
C VAL A 193 9.86 13.19 15.94
N CYS A 194 10.48 12.15 16.48
CA CYS A 194 11.91 11.98 16.25
C CYS A 194 12.14 11.41 14.87
N ASN A 195 11.21 10.59 14.40
CA ASN A 195 11.37 9.95 13.11
C ASN A 195 10.54 10.53 11.95
N TYR A 196 9.51 11.30 12.26
CA TYR A 196 8.67 11.91 11.23
C TYR A 196 8.39 13.35 11.66
N PRO A 197 9.46 14.13 11.91
CA PRO A 197 9.31 15.52 12.34
C PRO A 197 8.47 16.45 11.43
N GLN A 198 8.60 16.28 10.11
CA GLN A 198 7.84 17.11 9.17
C GLN A 198 6.36 16.84 9.32
N GLN A 199 6.04 15.69 9.89
CA GLN A 199 4.67 15.26 10.15
C GLN A 199 4.29 16.04 11.38
N THR A 200 3.64 17.18 11.19
CA THR A 200 3.27 18.05 12.28
C THR A 200 2.60 17.30 13.41
N GLU A 201 1.49 16.65 13.16
CA GLU A 201 0.90 15.92 14.26
C GLU A 201 0.34 14.60 13.79
N LYS A 202 1.23 13.67 13.53
CA LYS A 202 0.83 12.36 13.13
C LYS A 202 0.49 11.65 14.42
N PHE A 203 1.15 12.05 15.49
CA PHE A 203 0.87 11.46 16.79
C PHE A 203 -0.59 11.68 17.12
N GLY A 204 -1.06 12.92 16.93
CA GLY A 204 -2.47 13.22 17.20
C GLY A 204 -3.34 12.40 16.25
N GLN A 205 -2.99 12.43 14.98
CA GLN A 205 -3.70 11.67 13.96
C GLN A 205 -3.84 10.21 14.36
N LEU A 206 -2.74 9.62 14.83
CA LEU A 206 -2.74 8.22 15.26
C LEU A 206 -3.71 7.98 16.40
N LEU A 207 -3.62 8.79 17.45
CA LEU A 207 -4.54 8.61 18.56
C LEU A 207 -5.99 8.84 18.15
N LEU A 208 -6.22 9.76 17.22
CA LEU A 208 -7.58 10.07 16.73
C LEU A 208 -8.19 8.88 15.99
N ARG A 209 -7.37 7.86 15.76
CA ARG A 209 -7.82 6.68 15.05
C ARG A 209 -8.44 5.66 16.00
N LEU A 210 -8.01 5.66 17.26
CA LEU A 210 -8.55 4.72 18.25
C LEU A 210 -10.06 4.79 18.42
N PRO A 211 -10.63 6.01 18.54
CA PRO A 211 -12.09 6.08 18.71
C PRO A 211 -12.82 5.52 17.50
N GLU A 212 -12.20 5.68 16.33
CA GLU A 212 -12.77 5.18 15.08
C GLU A 212 -12.72 3.66 15.08
N LEU A 213 -11.61 3.11 15.58
CA LEU A 213 -11.44 1.67 15.65
C LEU A 213 -12.49 1.11 16.59
N ARG A 214 -12.79 1.90 17.60
CA ARG A 214 -13.78 1.56 18.62
C ARG A 214 -15.17 1.37 17.99
N ALA A 215 -15.60 2.38 17.24
CA ALA A 215 -16.89 2.39 16.57
C ALA A 215 -17.01 1.26 15.57
N ILE A 216 -16.01 1.11 14.71
CA ILE A 216 -16.04 0.04 13.72
C ILE A 216 -16.13 -1.30 14.42
N SER A 217 -15.43 -1.40 15.54
CA SER A 217 -15.37 -2.60 16.35
C SER A 217 -16.74 -3.08 16.82
N LYS A 218 -17.55 -2.15 17.33
CA LYS A 218 -18.89 -2.50 17.79
C LYS A 218 -19.81 -2.91 16.66
N GLN A 219 -19.74 -2.18 15.55
CA GLN A 219 -20.58 -2.51 14.42
C GLN A 219 -20.24 -3.90 13.92
N ALA A 220 -18.95 -4.26 14.04
CA ALA A 220 -18.51 -5.57 13.59
C ALA A 220 -19.05 -6.66 14.52
N GLU A 221 -19.03 -6.42 15.82
CA GLU A 221 -19.56 -7.41 16.77
C GLU A 221 -21.06 -7.60 16.61
N ASP A 222 -21.79 -6.51 16.43
CA ASP A 222 -23.23 -6.57 16.24
C ASP A 222 -23.57 -7.42 15.03
N TYR A 223 -22.79 -7.28 13.96
CA TYR A 223 -23.00 -8.05 12.74
C TYR A 223 -22.62 -9.51 12.99
N LEU A 224 -21.53 -9.71 13.72
CA LEU A 224 -21.07 -11.05 14.03
C LEU A 224 -22.10 -11.77 14.90
N TYR A 225 -22.66 -11.06 15.86
CA TYR A 225 -23.66 -11.66 16.76
C TYR A 225 -24.91 -12.04 15.96
N TYR A 226 -25.36 -11.11 15.13
CA TYR A 226 -26.53 -11.35 14.31
C TYR A 226 -26.36 -12.59 13.46
N LYS A 227 -25.25 -12.64 12.72
CA LYS A 227 -24.97 -13.78 11.84
C LYS A 227 -24.90 -15.06 12.64
N HIS A 228 -24.48 -14.94 13.89
CA HIS A 228 -24.35 -16.10 14.75
C HIS A 228 -25.70 -16.59 15.27
N VAL A 229 -26.57 -15.66 15.69
CA VAL A 229 -27.88 -16.03 16.21
C VAL A 229 -28.64 -16.94 15.26
N ASN A 230 -28.58 -16.71 13.95
CA ASN A 230 -29.22 -17.73 13.13
C ASN A 230 -28.25 -18.64 12.33
N GLY A 231 -27.23 -19.19 13.04
CA GLY A 231 -26.50 -20.34 12.48
C GLY A 231 -25.68 -20.01 11.22
N ASP A 232 -25.13 -18.80 11.12
CA ASP A 232 -24.45 -18.55 9.86
C ASP A 232 -22.92 -18.61 9.97
N VAL A 233 -22.44 -18.86 11.20
CA VAL A 233 -21.04 -19.21 11.35
C VAL A 233 -20.88 -20.67 11.83
N PRO A 234 -19.82 -21.41 11.51
CA PRO A 234 -19.69 -22.79 12.03
C PRO A 234 -19.83 -22.85 13.54
N TYR A 235 -18.96 -22.08 14.20
CA TYR A 235 -19.05 -22.04 15.65
C TYR A 235 -17.87 -21.26 16.22
N ASN A 236 -16.71 -21.95 16.26
CA ASN A 236 -15.45 -21.29 16.65
C ASN A 236 -15.38 -20.54 18.00
N ASN A 237 -14.95 -21.26 19.04
CA ASN A 237 -15.14 -20.89 20.46
C ASN A 237 -14.40 -19.62 20.96
N LEU A 238 -13.32 -19.16 20.33
CA LEU A 238 -12.69 -17.95 20.85
C LEU A 238 -13.51 -16.77 20.39
N LEU A 239 -14.01 -16.81 19.17
CA LEU A 239 -14.83 -15.72 18.65
C LEU A 239 -16.14 -15.59 19.42
N ILE A 240 -16.87 -16.69 19.52
CA ILE A 240 -18.15 -16.70 20.23
C ILE A 240 -18.01 -16.39 21.70
N GLU A 241 -17.00 -16.98 22.33
CA GLU A 241 -16.72 -16.80 23.75
C GLU A 241 -16.54 -15.33 24.12
N MET A 242 -15.74 -14.61 23.32
CA MET A 242 -15.48 -13.20 23.56
C MET A 242 -16.69 -12.35 23.24
N LEU A 243 -17.42 -12.74 22.21
CA LEU A 243 -18.61 -12.02 21.79
C LEU A 243 -19.67 -12.16 22.87
N HIS A 244 -19.68 -13.31 23.54
CA HIS A 244 -20.63 -13.55 24.61
C HIS A 244 -20.15 -12.99 25.93
N ALA A 245 -18.92 -12.47 25.92
CA ALA A 245 -18.38 -11.85 27.12
C ALA A 245 -18.97 -10.45 27.12
N LYS A 246 -19.50 -10.05 25.97
CA LYS A 246 -20.12 -8.74 25.84
C LYS A 246 -21.50 -8.75 26.50
N ARG A 247 -22.37 -9.64 26.05
CA ARG A 247 -23.72 -9.74 26.61
C ARG A 247 -23.61 -9.93 28.12
N SER B 7 -17.21 -4.99 -19.27
CA SER B 7 -16.94 -4.48 -17.90
C SER B 7 -15.45 -4.17 -17.80
N ILE B 8 -14.63 -5.21 -17.86
CA ILE B 8 -13.19 -5.06 -17.89
C ILE B 8 -12.71 -6.07 -18.92
N PRO B 9 -12.30 -5.58 -20.10
CA PRO B 9 -11.84 -6.51 -21.13
C PRO B 9 -10.70 -7.37 -20.65
N HIS B 10 -10.63 -8.59 -21.14
CA HIS B 10 -9.60 -9.53 -20.74
C HIS B 10 -8.16 -9.02 -20.90
N LEU B 11 -7.90 -8.26 -21.95
CA LEU B 11 -6.56 -7.73 -22.21
C LEU B 11 -6.08 -6.84 -21.08
N ILE B 12 -6.99 -6.05 -20.51
CA ILE B 12 -6.64 -5.15 -19.42
C ILE B 12 -6.34 -5.94 -18.15
N LEU B 13 -7.10 -7.00 -17.91
CA LEU B 13 -6.88 -7.83 -16.73
C LEU B 13 -5.50 -8.47 -16.77
N GLU B 14 -5.01 -8.82 -17.95
CA GLU B 14 -3.70 -9.43 -18.07
C GLU B 14 -2.58 -8.43 -17.85
N LEU B 15 -2.86 -7.17 -18.15
CA LEU B 15 -1.88 -6.10 -17.97
C LEU B 15 -1.74 -5.81 -16.47
N LEU B 16 -2.84 -5.92 -15.74
CA LEU B 16 -2.85 -5.69 -14.30
C LEU B 16 -2.08 -6.75 -13.54
N LYS B 17 -2.11 -7.98 -14.03
CA LYS B 17 -1.37 -9.06 -13.38
C LYS B 17 0.13 -8.82 -13.42
N CYS B 18 0.57 -7.95 -14.34
CA CYS B 18 2.00 -7.63 -14.49
C CYS B 18 2.43 -6.46 -13.61
N GLU B 19 1.47 -5.85 -12.92
CA GLU B 19 1.79 -4.72 -12.05
C GLU B 19 2.74 -5.16 -10.94
N PRO B 20 3.59 -4.22 -10.47
CA PRO B 20 4.53 -4.53 -9.41
C PRO B 20 3.88 -4.27 -8.04
N ASP B 21 4.43 -4.88 -7.01
CA ASP B 21 3.95 -4.73 -5.63
C ASP B 21 4.47 -3.41 -5.07
N GLU B 22 3.66 -2.35 -5.10
CA GLU B 22 4.07 -1.05 -4.58
C GLU B 22 4.80 -1.15 -3.23
N PRO B 23 4.16 -1.76 -2.22
CA PRO B 23 4.78 -1.89 -0.90
C PRO B 23 6.17 -2.51 -0.96
N GLN B 24 6.32 -3.61 -1.68
CA GLN B 24 7.64 -4.25 -1.79
C GLN B 24 8.64 -3.29 -2.42
N VAL B 25 8.25 -2.69 -3.53
CA VAL B 25 9.12 -1.75 -4.22
C VAL B 25 9.43 -0.56 -3.32
N GLN B 26 8.42 -0.10 -2.59
CA GLN B 26 8.57 1.04 -1.70
C GLN B 26 9.54 0.73 -0.55
N ALA B 27 9.43 -0.46 0.03
CA ALA B 27 10.29 -0.84 1.14
C ALA B 27 11.75 -0.97 0.70
N LYS B 28 11.93 -1.52 -0.50
CA LYS B 28 13.26 -1.74 -1.06
C LYS B 28 14.02 -0.44 -1.32
N ILE B 29 13.38 0.49 -2.02
CA ILE B 29 14.00 1.76 -2.33
C ILE B 29 14.31 2.54 -1.04
N MET B 30 13.35 2.59 -0.12
CA MET B 30 13.55 3.29 1.15
C MET B 30 14.72 2.72 1.96
N ALA B 31 14.85 1.39 1.95
CA ALA B 31 15.94 0.71 2.65
C ALA B 31 17.25 1.08 1.98
N TYR B 32 17.21 1.17 0.67
CA TYR B 32 18.37 1.51 -0.13
C TYR B 32 18.88 2.92 0.18
N LEU B 33 17.95 3.84 0.42
CA LEU B 33 18.30 5.23 0.70
C LEU B 33 18.74 5.52 2.14
N GLN B 34 18.36 4.66 3.08
CA GLN B 34 18.77 4.87 4.46
C GLN B 34 20.15 4.24 4.61
N GLN B 35 20.33 3.11 3.93
CA GLN B 35 21.60 2.41 3.92
C GLN B 35 22.63 3.34 3.28
N GLU B 36 22.18 4.07 2.27
CA GLU B 36 23.04 4.99 1.56
C GLU B 36 23.54 6.09 2.46
N GLN B 37 22.60 6.80 3.10
CA GLN B 37 22.96 7.89 3.98
C GLN B 37 23.54 7.42 5.31
N SER B 38 23.32 6.15 5.63
CA SER B 38 23.88 5.64 6.88
C SER B 38 25.36 5.49 6.60
N ASN B 39 25.68 4.64 5.62
CA ASN B 39 27.08 4.39 5.24
C ASN B 39 27.83 5.60 4.73
N ARG B 40 27.27 6.80 4.94
CA ARG B 40 27.91 8.05 4.53
C ARG B 40 27.98 9.00 5.70
N LEU B 46 25.84 15.56 -0.40
CA LEU B 46 25.26 14.45 0.31
C LEU B 46 23.73 14.44 0.22
N SER B 47 23.11 15.64 0.45
CA SER B 47 21.65 15.68 0.75
C SER B 47 20.75 15.86 -0.47
N ALA B 48 20.67 17.11 -0.99
CA ALA B 48 19.47 17.50 -1.73
C ALA B 48 19.26 16.78 -3.09
N PHE B 49 20.24 16.97 -3.99
CA PHE B 49 20.10 16.39 -5.32
C PHE B 49 20.45 14.90 -5.41
N GLY B 50 21.51 14.41 -4.73
CA GLY B 50 21.95 13.01 -4.95
C GLY B 50 20.97 11.96 -4.39
N LEU B 51 20.08 12.29 -3.47
CA LEU B 51 19.10 11.35 -2.96
C LEU B 51 17.97 11.09 -3.94
N LEU B 52 17.51 12.14 -4.61
CA LEU B 52 16.43 12.03 -5.57
C LEU B 52 16.87 11.46 -6.91
N CYS B 53 18.18 11.49 -7.17
CA CYS B 53 18.71 10.94 -8.41
C CYS B 53 18.72 9.43 -8.23
N LYS B 54 19.14 9.01 -7.05
CA LYS B 54 19.21 7.60 -6.69
C LYS B 54 17.81 7.03 -6.56
N MET B 55 16.87 7.89 -6.16
CA MET B 55 15.50 7.47 -6.01
C MET B 55 14.96 7.11 -7.39
N ALA B 56 15.14 8.01 -8.37
CA ALA B 56 14.69 7.81 -9.74
C ALA B 56 15.45 6.63 -10.37
N ASP B 57 16.72 6.53 -10.02
CA ASP B 57 17.59 5.47 -10.51
C ASP B 57 16.95 4.13 -10.14
N GLN B 58 16.57 3.99 -8.88
CA GLN B 58 15.93 2.80 -8.34
C GLN B 58 14.57 2.57 -9.00
N THR B 59 13.79 3.64 -9.12
CA THR B 59 12.49 3.54 -9.74
C THR B 59 12.65 3.05 -11.17
N LEU B 60 13.67 3.56 -11.85
CA LEU B 60 13.91 3.18 -13.23
C LEU B 60 14.25 1.68 -13.34
N PHE B 61 15.00 1.16 -12.37
CA PHE B 61 15.35 -0.26 -12.39
C PHE B 61 14.08 -1.09 -12.18
N SER B 62 13.16 -0.60 -11.36
CA SER B 62 11.89 -1.30 -11.12
C SER B 62 11.06 -1.33 -12.40
N ILE B 63 11.11 -0.22 -13.12
CA ILE B 63 10.36 -0.07 -14.36
C ILE B 63 10.93 -1.00 -15.43
N VAL B 64 12.25 -1.11 -15.48
CA VAL B 64 12.92 -1.97 -16.44
C VAL B 64 12.57 -3.42 -16.15
N GLU B 65 12.57 -3.80 -14.88
CA GLU B 65 12.23 -5.16 -14.52
C GLU B 65 10.74 -5.44 -14.75
N TRP B 66 9.91 -4.41 -14.60
CA TRP B 66 8.50 -4.57 -14.82
C TRP B 66 8.22 -4.88 -16.28
N ALA B 67 8.79 -4.08 -17.19
CA ALA B 67 8.59 -4.27 -18.61
C ALA B 67 9.03 -5.67 -19.03
N ARG B 68 10.25 -6.03 -18.63
CA ARG B 68 10.81 -7.35 -18.96
C ARG B 68 10.03 -8.55 -18.44
N SER B 69 9.42 -8.44 -17.27
CA SER B 69 8.64 -9.56 -16.74
C SER B 69 7.22 -9.48 -17.28
N SER B 70 6.92 -8.35 -17.93
CA SER B 70 5.60 -8.08 -18.48
C SER B 70 5.21 -8.98 -19.68
N ILE B 71 3.92 -9.27 -19.80
CA ILE B 71 3.22 -10.06 -20.86
C ILE B 71 3.77 -9.99 -22.33
N PHE B 72 3.60 -8.86 -22.99
CA PHE B 72 3.97 -8.95 -24.41
C PHE B 72 5.43 -8.57 -24.73
N PHE B 73 6.05 -7.96 -23.74
CA PHE B 73 7.40 -7.51 -23.83
C PHE B 73 8.45 -8.61 -23.75
N ARG B 74 8.23 -9.59 -22.89
CA ARG B 74 9.18 -10.70 -22.75
C ARG B 74 9.34 -11.47 -24.03
N GLU B 75 8.31 -11.43 -24.88
CA GLU B 75 8.33 -12.14 -26.15
C GLU B 75 9.33 -11.56 -27.12
N LEU B 76 9.69 -10.30 -26.89
CA LEU B 76 10.63 -9.59 -27.73
C LEU B 76 12.08 -9.90 -27.41
N LYS B 77 12.95 -9.76 -28.41
CA LYS B 77 14.36 -10.01 -28.20
C LYS B 77 15.00 -8.78 -27.57
N VAL B 78 16.00 -9.03 -26.73
CA VAL B 78 16.73 -7.99 -26.01
C VAL B 78 17.02 -6.72 -26.81
N ASP B 79 17.29 -6.87 -28.10
CA ASP B 79 17.59 -5.69 -28.91
C ASP B 79 16.33 -4.85 -29.08
N ASP B 80 15.19 -5.49 -29.36
CA ASP B 80 13.94 -4.75 -29.51
C ASP B 80 13.50 -4.15 -28.18
N GLN B 81 13.75 -4.87 -27.08
CA GLN B 81 13.40 -4.34 -25.77
C GLN B 81 14.26 -3.12 -25.49
N MET B 82 15.53 -3.20 -25.90
CA MET B 82 16.50 -2.13 -25.73
C MET B 82 16.01 -0.86 -26.40
N LYS B 83 15.66 -0.97 -27.68
CA LYS B 83 15.19 0.16 -28.47
C LYS B 83 13.92 0.78 -27.89
N LEU B 84 12.99 -0.08 -27.47
CA LEU B 84 11.73 0.38 -26.92
C LEU B 84 11.93 1.12 -25.60
N LEU B 85 12.81 0.60 -24.76
CA LEU B 85 13.07 1.21 -23.45
C LEU B 85 13.89 2.50 -23.51
N GLN B 86 14.84 2.55 -24.43
CA GLN B 86 15.68 3.72 -24.59
C GLN B 86 14.85 4.87 -25.14
N ASN B 87 13.74 4.53 -25.79
CA ASN B 87 12.85 5.52 -26.35
C ASN B 87 11.77 6.09 -25.41
N CYS B 88 11.36 5.30 -24.41
CA CYS B 88 10.31 5.77 -23.49
C CYS B 88 10.68 5.71 -22.02
N TRP B 89 11.93 5.41 -21.68
CA TRP B 89 12.24 5.28 -20.27
C TRP B 89 11.82 6.51 -19.47
N SER B 90 12.14 7.69 -20.01
CA SER B 90 11.82 8.96 -19.37
C SER B 90 10.31 9.16 -19.23
N GLU B 91 9.56 8.82 -20.27
CA GLU B 91 8.12 8.98 -20.20
C GLU B 91 7.52 8.09 -19.11
N LEU B 92 7.99 6.84 -19.03
CA LEU B 92 7.49 5.89 -18.03
C LEU B 92 7.83 6.37 -16.64
N LEU B 93 9.01 6.95 -16.50
CA LEU B 93 9.46 7.46 -15.20
C LEU B 93 8.51 8.56 -14.74
N ILE B 94 8.20 9.47 -15.65
CA ILE B 94 7.33 10.59 -15.36
C ILE B 94 5.86 10.18 -15.22
N LEU B 95 5.43 9.26 -16.07
CA LEU B 95 4.06 8.80 -16.03
C LEU B 95 3.81 8.07 -14.71
N ASP B 96 4.86 7.42 -14.22
CA ASP B 96 4.77 6.68 -12.96
C ASP B 96 4.63 7.68 -11.83
N HIS B 97 5.38 8.77 -11.93
CA HIS B 97 5.32 9.83 -10.93
C HIS B 97 3.94 10.48 -10.96
N ILE B 98 3.43 10.73 -12.17
CA ILE B 98 2.13 11.37 -12.35
C ILE B 98 0.97 10.56 -11.79
N TYR B 99 0.97 9.27 -12.06
CA TYR B 99 -0.10 8.45 -11.55
C TYR B 99 -0.03 8.38 -10.03
N ARG B 100 1.19 8.33 -9.50
CA ARG B 100 1.38 8.29 -8.05
C ARG B 100 0.65 9.45 -7.37
N GLN B 101 0.71 10.64 -7.98
CA GLN B 101 0.06 11.79 -7.39
C GLN B 101 -1.45 11.68 -7.57
N VAL B 102 -1.88 11.04 -8.65
CA VAL B 102 -3.31 10.90 -8.89
C VAL B 102 -3.90 9.86 -7.95
N ALA B 103 -3.24 8.71 -7.84
CA ALA B 103 -3.75 7.65 -6.99
C ALA B 103 -3.59 7.90 -5.50
N HIS B 104 -2.41 8.36 -5.09
CA HIS B 104 -2.13 8.58 -3.68
C HIS B 104 -1.77 10.01 -3.26
N GLY B 105 -1.72 10.95 -4.19
CA GLY B 105 -1.37 12.30 -3.80
C GLY B 105 -2.56 13.13 -3.36
N LYS B 106 -2.34 14.44 -3.30
CA LYS B 106 -3.13 15.43 -2.58
C LYS B 106 -2.82 16.85 -3.07
N GLU B 107 -3.36 17.84 -2.33
CA GLU B 107 -3.34 19.21 -2.78
C GLU B 107 -1.94 19.80 -2.72
N GLY B 108 -1.44 19.93 -1.49
CA GLY B 108 -0.20 20.65 -1.29
C GLY B 108 1.06 19.77 -1.30
N THR B 109 0.91 18.45 -1.49
CA THR B 109 2.10 17.63 -1.35
C THR B 109 2.44 16.87 -2.64
N ILE B 110 3.67 16.37 -2.65
CA ILE B 110 4.10 15.48 -3.73
C ILE B 110 4.45 14.18 -3.01
N PHE B 111 3.86 13.08 -3.47
CA PHE B 111 4.09 11.76 -2.89
C PHE B 111 5.27 11.10 -3.63
N LEU B 112 6.28 10.67 -2.89
CA LEU B 112 7.45 10.03 -3.49
C LEU B 112 7.32 8.52 -3.46
N VAL B 113 8.06 7.84 -4.33
CA VAL B 113 8.02 6.39 -4.42
C VAL B 113 8.40 5.70 -3.08
N THR B 114 9.14 6.40 -2.24
CA THR B 114 9.57 5.85 -0.94
C THR B 114 8.41 5.90 0.05
N GLY B 115 7.28 6.45 -0.37
CA GLY B 115 6.14 6.57 0.51
C GLY B 115 6.20 7.86 1.31
N GLU B 116 7.23 8.68 1.10
CA GLU B 116 7.36 9.94 1.81
C GLU B 116 6.40 10.98 1.21
N HIS B 117 5.94 11.89 2.06
CA HIS B 117 4.98 12.92 1.66
C HIS B 117 5.41 14.39 1.73
N VAL B 118 6.50 14.73 1.03
CA VAL B 118 7.04 16.09 1.01
C VAL B 118 6.15 17.20 0.45
N ASP B 119 6.07 18.30 1.18
CA ASP B 119 5.25 19.46 0.80
C ASP B 119 5.72 20.10 -0.50
N TYR B 120 4.78 20.64 -1.26
CA TYR B 120 5.09 21.28 -2.55
C TYR B 120 5.67 22.67 -2.30
N SER B 121 5.13 23.36 -1.30
CA SER B 121 5.58 24.70 -0.95
C SER B 121 7.08 24.71 -0.66
N THR B 122 7.55 23.67 0.03
CA THR B 122 8.96 23.61 0.38
C THR B 122 9.85 23.30 -0.82
N ILE B 123 9.58 22.21 -1.51
CA ILE B 123 10.40 21.83 -2.65
C ILE B 123 10.52 22.94 -3.69
N ILE B 124 9.45 23.70 -3.88
CA ILE B 124 9.47 24.79 -4.84
C ILE B 124 10.41 25.87 -4.30
N SER B 125 10.50 25.96 -2.98
CA SER B 125 11.38 26.95 -2.35
C SER B 125 12.82 26.47 -2.36
N HIS B 126 13.05 25.31 -1.77
CA HIS B 126 14.40 24.81 -1.69
C HIS B 126 15.07 24.40 -2.98
N THR B 127 14.49 24.78 -4.13
CA THR B 127 15.31 24.51 -5.33
C THR B 127 15.25 25.57 -6.46
N GLU B 128 16.02 25.24 -7.55
CA GLU B 128 16.37 26.17 -8.65
C GLU B 128 15.41 26.13 -9.87
N VAL B 129 15.97 26.68 -11.00
CA VAL B 129 15.23 27.18 -12.20
C VAL B 129 14.27 26.23 -12.95
N ALA B 130 14.98 25.46 -13.76
CA ALA B 130 14.33 24.46 -14.59
C ALA B 130 13.75 23.23 -13.91
N PHE B 131 13.94 23.08 -12.61
CA PHE B 131 13.40 21.91 -11.95
C PHE B 131 11.99 22.18 -11.50
N ASN B 132 11.72 23.44 -11.17
CA ASN B 132 10.40 23.83 -10.74
C ASN B 132 9.48 23.85 -11.96
N ASN B 133 10.02 24.19 -13.12
CA ASN B 133 9.26 24.23 -14.38
C ASN B 133 8.70 22.84 -14.64
N LEU B 134 9.58 21.84 -14.63
CA LEU B 134 9.20 20.46 -14.86
C LEU B 134 8.15 20.03 -13.83
N LEU B 135 8.51 20.12 -12.55
CA LEU B 135 7.60 19.73 -11.48
C LEU B 135 6.20 20.29 -11.71
N SER B 136 6.12 21.47 -12.32
CA SER B 136 4.83 22.08 -12.59
C SER B 136 4.14 21.53 -13.81
N LEU B 137 4.89 21.31 -14.88
CA LEU B 137 4.28 20.76 -16.08
C LEU B 137 3.70 19.37 -15.77
N ALA B 138 4.32 18.68 -14.81
CA ALA B 138 3.83 17.35 -14.44
C ALA B 138 2.60 17.47 -13.58
N GLN B 139 2.55 18.52 -12.76
CA GLN B 139 1.43 18.73 -11.87
C GLN B 139 0.18 19.12 -12.64
N GLU B 140 0.37 19.75 -13.79
CA GLU B 140 -0.75 20.13 -14.64
C GLU B 140 -1.41 18.85 -15.10
N LEU B 141 -0.63 17.93 -15.66
CA LEU B 141 -1.16 16.66 -16.13
C LEU B 141 -1.86 15.92 -15.00
N VAL B 142 -1.28 15.97 -13.81
CA VAL B 142 -1.88 15.30 -12.66
C VAL B 142 -3.30 15.81 -12.44
N VAL B 143 -3.45 17.13 -12.44
CA VAL B 143 -4.74 17.79 -12.26
C VAL B 143 -5.68 17.39 -13.38
N ARG B 144 -5.17 17.47 -14.60
CA ARG B 144 -5.91 17.11 -15.80
C ARG B 144 -6.38 15.66 -15.68
N LEU B 145 -5.45 14.73 -15.39
CA LEU B 145 -5.83 13.33 -15.25
C LEU B 145 -6.81 13.13 -14.10
N ARG B 146 -6.58 13.87 -13.01
CA ARG B 146 -7.45 13.80 -11.84
C ARG B 146 -8.88 14.23 -12.23
N SER B 147 -9.00 15.29 -13.02
CA SER B 147 -10.31 15.78 -13.46
C SER B 147 -10.99 14.76 -14.37
N LEU B 148 -10.20 13.90 -15.00
CA LEU B 148 -10.74 12.89 -15.91
C LEU B 148 -11.13 11.58 -15.22
N GLN B 149 -10.87 11.46 -13.92
CA GLN B 149 -11.17 10.25 -13.17
C GLN B 149 -10.26 9.08 -13.59
N PHE B 150 -9.06 9.43 -14.05
CA PHE B 150 -8.02 8.47 -14.47
C PHE B 150 -7.82 7.37 -13.43
N ASP B 151 -8.25 6.15 -13.72
CA ASP B 151 -8.10 5.06 -12.76
C ASP B 151 -6.95 4.14 -13.14
N GLN B 152 -6.71 3.11 -12.33
CA GLN B 152 -5.63 2.15 -12.55
C GLN B 152 -5.67 1.34 -13.84
N ARG B 153 -6.86 0.98 -14.31
CA ARG B 153 -6.97 0.21 -15.53
C ARG B 153 -6.55 1.05 -16.72
N GLU B 154 -6.79 2.35 -16.64
CA GLU B 154 -6.41 3.24 -17.72
C GLU B 154 -4.93 3.55 -17.64
N PHE B 155 -4.38 3.49 -16.43
CA PHE B 155 -2.98 3.73 -16.19
C PHE B 155 -2.12 2.63 -16.82
N VAL B 156 -2.47 1.37 -16.59
CA VAL B 156 -1.67 0.29 -17.19
C VAL B 156 -1.77 0.33 -18.72
N CYS B 157 -2.92 0.75 -19.25
CA CYS B 157 -3.07 0.86 -20.69
C CYS B 157 -2.13 1.92 -21.25
N LEU B 158 -2.12 3.09 -20.61
CA LEU B 158 -1.25 4.16 -21.04
C LEU B 158 0.21 3.71 -20.94
N LYS B 159 0.55 2.99 -19.87
CA LYS B 159 1.91 2.49 -19.68
C LYS B 159 2.36 1.60 -20.82
N PHE B 160 1.46 0.75 -21.31
CA PHE B 160 1.84 -0.11 -22.42
C PHE B 160 1.86 0.63 -23.75
N LEU B 161 0.97 1.60 -23.90
CA LEU B 161 0.92 2.39 -25.13
C LEU B 161 2.23 3.15 -25.24
N VAL B 162 2.77 3.57 -24.11
CA VAL B 162 4.01 4.31 -24.08
C VAL B 162 5.19 3.41 -24.38
N LEU B 163 5.19 2.22 -23.77
CA LEU B 163 6.26 1.27 -23.99
C LEU B 163 6.25 0.76 -25.42
N PHE B 164 5.06 0.45 -25.96
CA PHE B 164 4.98 -0.06 -27.32
C PHE B 164 4.73 0.99 -28.39
N SER B 165 5.78 1.73 -28.72
CA SER B 165 5.65 2.75 -29.76
C SER B 165 6.06 2.13 -31.10
N SER B 166 5.10 1.97 -32.01
CA SER B 166 5.36 1.42 -33.35
C SER B 166 6.07 2.55 -34.06
N ASP B 167 6.66 3.39 -33.24
CA ASP B 167 7.38 4.58 -33.62
C ASP B 167 8.88 4.37 -33.62
N VAL B 168 9.37 3.43 -32.82
CA VAL B 168 10.79 3.06 -32.80
C VAL B 168 11.21 2.27 -34.06
N LYS B 169 12.26 2.81 -34.73
CA LYS B 169 12.62 2.54 -36.13
C LYS B 169 13.10 1.10 -36.46
N ASN B 170 14.30 0.76 -35.97
CA ASN B 170 14.89 -0.49 -36.40
C ASN B 170 14.34 -1.69 -35.64
N LEU B 171 13.04 -1.77 -35.37
CA LEU B 171 12.48 -2.84 -34.58
C LEU B 171 12.40 -4.11 -35.41
N GLU B 172 12.83 -5.19 -34.78
CA GLU B 172 12.83 -6.48 -35.42
C GLU B 172 11.39 -6.94 -35.63
N ASN B 173 10.67 -7.09 -34.52
CA ASN B 173 9.28 -7.50 -34.59
C ASN B 173 8.35 -6.30 -34.49
N LEU B 174 8.25 -5.55 -35.58
CA LEU B 174 7.38 -4.38 -35.62
C LEU B 174 5.90 -4.79 -35.61
N GLN B 175 5.63 -6.00 -36.10
CA GLN B 175 4.26 -6.51 -36.15
C GLN B 175 3.72 -6.76 -34.74
N LEU B 176 4.52 -7.34 -33.87
CA LEU B 176 4.07 -7.58 -32.51
C LEU B 176 3.85 -6.24 -31.81
N VAL B 177 4.76 -5.29 -32.05
CA VAL B 177 4.66 -3.98 -31.42
C VAL B 177 3.47 -3.18 -31.93
N GLU B 178 3.28 -3.11 -33.25
CA GLU B 178 2.15 -2.36 -33.77
C GLU B 178 0.85 -3.07 -33.38
N GLY B 179 0.91 -4.38 -33.26
CA GLY B 179 -0.25 -5.16 -32.89
C GLY B 179 -0.68 -4.96 -31.44
N VAL B 180 0.28 -4.94 -30.52
CA VAL B 180 -0.02 -4.73 -29.11
C VAL B 180 -0.65 -3.36 -28.90
N GLN B 181 -0.09 -2.35 -29.55
CA GLN B 181 -0.56 -0.97 -29.45
C GLN B 181 -2.02 -0.78 -29.87
N GLU B 182 -2.43 -1.42 -30.97
CA GLU B 182 -3.82 -1.29 -31.42
C GLU B 182 -4.76 -2.04 -30.47
N GLN B 183 -4.31 -3.22 -30.05
CA GLN B 183 -5.09 -4.05 -29.15
C GLN B 183 -5.36 -3.25 -27.89
N VAL B 184 -4.31 -2.67 -27.31
CA VAL B 184 -4.46 -1.87 -26.10
C VAL B 184 -5.34 -0.64 -26.31
N ASN B 185 -5.19 0.03 -27.45
CA ASN B 185 -6.01 1.19 -27.79
C ASN B 185 -7.46 0.74 -27.76
N ALA B 186 -7.74 -0.33 -28.49
CA ALA B 186 -9.08 -0.87 -28.55
C ALA B 186 -9.61 -1.21 -27.16
N ALA B 187 -8.78 -1.89 -26.36
CA ALA B 187 -9.20 -2.30 -25.02
C ALA B 187 -9.53 -1.09 -24.15
N LEU B 188 -8.70 -0.07 -24.23
CA LEU B 188 -8.89 1.14 -23.44
C LEU B 188 -10.17 1.85 -23.87
N LEU B 189 -10.41 1.88 -25.17
CA LEU B 189 -11.59 2.51 -25.73
C LEU B 189 -12.83 1.82 -25.19
N ASP B 190 -12.87 0.51 -25.31
CA ASP B 190 -13.99 -0.28 -24.83
C ASP B 190 -14.22 -0.02 -23.33
N TYR B 191 -13.14 -0.14 -22.54
CA TYR B 191 -13.17 0.06 -21.09
C TYR B 191 -13.74 1.41 -20.66
N THR B 192 -13.20 2.47 -21.26
CA THR B 192 -13.58 3.84 -20.95
C THR B 192 -15.05 4.18 -21.14
N VAL B 193 -15.63 3.85 -22.29
CA VAL B 193 -17.02 4.20 -22.48
C VAL B 193 -17.93 3.28 -21.67
N CYS B 194 -17.57 2.00 -21.54
CA CYS B 194 -18.38 1.08 -20.77
C CYS B 194 -18.47 1.46 -19.29
N ASN B 195 -17.35 1.91 -18.72
CA ASN B 195 -17.28 2.25 -17.31
C ASN B 195 -17.47 3.74 -17.00
N TYR B 196 -17.22 4.58 -17.99
CA TYR B 196 -17.41 6.03 -17.81
C TYR B 196 -18.18 6.51 -19.03
N PRO B 197 -19.40 5.98 -19.22
CA PRO B 197 -20.27 6.32 -20.35
C PRO B 197 -20.71 7.77 -20.41
N GLN B 198 -20.85 8.41 -19.25
CA GLN B 198 -21.26 9.80 -19.23
C GLN B 198 -20.04 10.68 -19.38
N GLN B 199 -19.03 10.14 -20.03
CA GLN B 199 -17.78 10.82 -20.33
C GLN B 199 -17.66 10.65 -21.81
N THR B 200 -18.26 11.54 -22.58
CA THR B 200 -18.23 11.46 -24.03
C THR B 200 -16.87 11.26 -24.63
N GLU B 201 -15.87 11.96 -24.13
CA GLU B 201 -14.56 11.73 -24.70
C GLU B 201 -13.42 11.80 -23.69
N LYS B 202 -13.54 10.92 -22.71
CA LYS B 202 -12.54 10.76 -21.67
C LYS B 202 -11.38 10.12 -22.40
N PHE B 203 -11.72 9.18 -23.27
CA PHE B 203 -10.74 8.46 -24.06
C PHE B 203 -9.84 9.41 -24.82
N GLY B 204 -10.44 10.29 -25.61
CA GLY B 204 -9.68 11.25 -26.40
C GLY B 204 -8.80 12.13 -25.55
N GLN B 205 -9.30 12.52 -24.39
CA GLN B 205 -8.55 13.37 -23.47
C GLN B 205 -7.34 12.59 -22.95
N LEU B 206 -7.51 11.30 -22.77
CA LEU B 206 -6.43 10.44 -22.29
C LEU B 206 -5.29 10.37 -23.29
N LEU B 207 -5.61 10.08 -24.55
CA LEU B 207 -4.60 9.98 -25.60
C LEU B 207 -3.88 11.29 -25.93
N LEU B 208 -4.54 12.41 -25.68
CA LEU B 208 -3.97 13.71 -25.95
C LEU B 208 -2.90 14.06 -24.92
N ARG B 209 -2.94 13.38 -23.78
CA ARG B 209 -1.96 13.64 -22.73
C ARG B 209 -0.63 12.96 -23.02
N LEU B 210 -0.65 12.05 -24.00
CA LEU B 210 0.55 11.34 -24.41
C LEU B 210 1.58 12.27 -25.02
N PRO B 211 1.14 13.22 -25.87
CA PRO B 211 2.10 14.15 -26.49
C PRO B 211 2.69 15.09 -25.45
N GLU B 212 1.88 15.49 -24.49
CA GLU B 212 2.33 16.40 -23.44
C GLU B 212 3.42 15.73 -22.61
N LEU B 213 3.15 14.50 -22.18
CA LEU B 213 4.09 13.72 -21.39
C LEU B 213 5.38 13.56 -22.17
N ARG B 214 5.25 13.43 -23.49
CA ARG B 214 6.37 13.27 -24.38
C ARG B 214 7.26 14.52 -24.37
N ALA B 215 6.62 15.68 -24.37
CA ALA B 215 7.31 16.96 -24.37
C ALA B 215 8.01 17.21 -23.04
N ILE B 216 7.33 16.88 -21.94
CA ILE B 216 7.90 17.05 -20.60
C ILE B 216 9.09 16.12 -20.43
N SER B 217 8.96 14.89 -20.92
CA SER B 217 10.03 13.92 -20.78
C SER B 217 11.29 14.34 -21.52
N LYS B 218 11.12 15.04 -22.63
CA LYS B 218 12.27 15.48 -23.42
C LYS B 218 13.04 16.59 -22.71
N GLN B 219 12.34 17.47 -22.02
CA GLN B 219 13.02 18.55 -21.34
C GLN B 219 13.47 18.17 -19.94
N ALA B 220 12.95 17.06 -19.43
CA ALA B 220 13.38 16.58 -18.13
C ALA B 220 14.71 15.87 -18.39
N GLU B 221 14.86 15.36 -19.62
CA GLU B 221 16.09 14.68 -20.01
C GLU B 221 17.19 15.71 -20.21
N ASP B 222 16.86 16.80 -20.86
CA ASP B 222 17.82 17.87 -21.10
C ASP B 222 18.33 18.36 -19.76
N TYR B 223 17.40 18.62 -18.86
CA TYR B 223 17.73 19.10 -17.55
C TYR B 223 18.73 18.18 -16.84
N LEU B 224 18.36 16.92 -16.70
CA LEU B 224 19.23 15.97 -16.03
C LEU B 224 20.59 15.86 -16.71
N TYR B 225 20.58 15.72 -18.04
CA TYR B 225 21.79 15.60 -18.84
C TYR B 225 22.83 16.69 -18.56
N TYR B 226 22.41 17.95 -18.58
CA TYR B 226 23.34 19.04 -18.35
C TYR B 226 23.75 19.12 -16.91
N LYS B 227 22.84 18.77 -16.01
CA LYS B 227 23.12 18.77 -14.58
C LYS B 227 24.23 17.76 -14.39
N HIS B 228 24.19 16.69 -15.19
CA HIS B 228 25.22 15.68 -15.12
C HIS B 228 26.54 16.26 -15.63
N VAL B 229 26.54 16.76 -16.86
CA VAL B 229 27.74 17.36 -17.44
C VAL B 229 28.39 18.36 -16.47
N ASN B 230 27.56 19.11 -15.75
CA ASN B 230 28.07 20.10 -14.82
C ASN B 230 28.56 19.51 -13.49
N GLY B 231 28.60 18.19 -13.41
CA GLY B 231 29.07 17.50 -12.22
C GLY B 231 28.09 17.39 -11.05
N ASP B 232 26.88 17.93 -11.22
CA ASP B 232 25.87 17.93 -10.16
C ASP B 232 25.02 16.69 -9.97
N VAL B 233 25.35 15.58 -10.63
CA VAL B 233 24.36 14.50 -10.72
C VAL B 233 24.97 13.11 -10.46
N PRO B 234 26.11 12.80 -11.17
CA PRO B 234 26.73 11.51 -11.43
C PRO B 234 27.19 10.83 -10.13
N TYR B 235 26.46 9.73 -9.79
CA TYR B 235 26.83 8.91 -8.64
C TYR B 235 26.10 7.58 -8.70
N ASN B 236 25.69 7.22 -9.96
CA ASN B 236 24.83 6.02 -10.14
C ASN B 236 24.89 5.44 -11.58
N ASN B 237 24.02 4.46 -11.95
CA ASN B 237 24.29 3.82 -13.27
C ASN B 237 23.16 3.91 -14.31
N LEU B 238 21.95 3.48 -13.96
CA LEU B 238 20.88 3.35 -14.95
C LEU B 238 20.42 4.64 -15.59
N LEU B 239 20.08 5.64 -14.78
CA LEU B 239 19.59 6.92 -15.28
C LEU B 239 20.43 7.59 -16.36
N ILE B 240 21.71 7.77 -16.08
CA ILE B 240 22.59 8.43 -17.03
C ILE B 240 22.94 7.61 -18.27
N GLU B 241 22.88 6.28 -18.17
CA GLU B 241 23.16 5.43 -19.31
C GLU B 241 22.00 5.56 -20.32
N MET B 242 20.78 5.54 -19.79
CA MET B 242 19.57 5.64 -20.61
C MET B 242 19.52 7.00 -21.27
N LEU B 243 20.06 7.99 -20.57
CA LEU B 243 20.11 9.34 -21.07
C LEU B 243 20.84 9.40 -22.41
N HIS B 244 21.77 8.50 -22.61
CA HIS B 244 22.59 8.69 -23.83
C HIS B 244 22.01 8.01 -25.09
N ALA B 245 20.73 7.66 -25.08
CA ALA B 245 20.16 7.15 -26.27
C ALA B 245 20.09 8.34 -27.17
N LYS B 246 19.29 9.31 -26.76
CA LYS B 246 19.18 10.56 -27.51
C LYS B 246 20.53 11.24 -27.65
N ARG B 247 21.13 11.61 -26.51
CA ARG B 247 22.43 12.29 -26.56
C ARG B 247 23.52 11.29 -26.88
#